data_9C85
#
_entry.id   9C85
#
_cell.length_a   178.740
_cell.length_b   178.740
_cell.length_c   185.490
_cell.angle_alpha   90.000
_cell.angle_beta   90.000
_cell.angle_gamma   120.000
#
_symmetry.space_group_name_H-M   'P 64 2 2'
#
loop_
_entity.id
_entity.type
_entity.pdbx_description
1 polymer 'Acetolactate synthase, chloroplastic'
2 non-polymer 'MAGNESIUM ION'
3 non-polymer 2-(3-fluoropropoxy)-N-[(4-methoxy-6-methylpyrimidin-2-yl)carbamoyl]benzene-1-sulfonamide
4 non-polymer 'FLAVIN-ADENINE DINUCLEOTIDE'
5 non-polymer '2-[3-[(4-azanyl-2-methyl-pyrimidin-5-yl)methyl]-2-[(1~{S})-1-(dioxidanyl)-1-oxidanyl-ethyl]-4-methyl-1,3-thiazol-5-yl]ethyl phosphono hydrogen phosphate'
6 non-polymer '2-[N-CYCLOHEXYLAMINO]ETHANE SULFONIC ACID'
7 non-polymer 'SULFATE ION'
8 water water
#
_entity_poly.entity_id   1
_entity_poly.type   'polypeptide(L)'
_entity_poly.pdbx_seq_one_letter_code
;TFISRFAPDQPRKGADILVEALERQGVETVFAYPGGASMEIHQALTRSSSIRNVLPRHEQGGVFAAEGYARSSGKPGICI
ATSGPGATNLVSGLADALLDSVPLVAITGQVPRRMIGTDAFQETPIVEVTRSITKHNYLVMDVEDIPRIIEEAFFLATSG
RPGPVLVDVPKDIQQQLAIPNWEQAMRLPGYMSRMPKPPEDSHLEQIVRLISESKKPVLYVGGGCLNSSDELGRFVELTG
IPVASTLMGLGSYP(CSD)DDELSLHMLGMHGTVYANYAVEHSDLLLAFGVRFDDRVTGKLEAFASRAKIVHIDIDSAEI
GKNKTPHVSVCGDVKLALQGMNKVLENRAEELKLDFGVWRNELNVQKQKFPLSFKTFGEAIPPQYAIKVLDELTDGKAII
STGVGQHQMWAAQFYNYKKPRQWLSSGGLGAMGFGLPAAIGASVANPDAIVVDIDGDGSFIMNVQELATIRVENLPVKVL
LLNNQHLGMVMQWEDRFYKANRAHTFLGDPAQEDEIFPNMLLFAAACGIPAARVTKKADLREAIQTMLDTPGPYLLDVIC
PHQEHVLPMIPSGGTFNDVITEGDGRLEHHHHHH
;
_entity_poly.pdbx_strand_id   A
#
# COMPACT_ATOMS: atom_id res chain seq x y z
N THR A 1 -10.18 -30.84 -1.21
CA THR A 1 -9.27 -31.88 -1.68
C THR A 1 -8.94 -31.68 -3.16
N PHE A 2 -7.67 -31.34 -3.40
CA PHE A 2 -7.22 -30.84 -4.69
C PHE A 2 -7.26 -31.94 -5.75
N ILE A 3 -7.62 -31.56 -6.97
CA ILE A 3 -7.63 -32.47 -8.12
C ILE A 3 -6.58 -31.99 -9.13
N SER A 4 -5.54 -32.81 -9.32
CA SER A 4 -4.50 -32.48 -10.29
C SER A 4 -5.00 -32.76 -11.70
N ARG A 5 -4.30 -32.19 -12.68
CA ARG A 5 -4.53 -32.51 -14.09
C ARG A 5 -3.54 -33.54 -14.59
N PHE A 6 -2.78 -34.17 -13.67
CA PHE A 6 -1.76 -35.17 -13.99
C PHE A 6 -1.93 -36.38 -13.10
N ALA A 7 -1.67 -37.57 -13.66
CA ALA A 7 -1.70 -38.78 -12.87
C ALA A 7 -0.69 -38.67 -11.74
N PRO A 8 -1.00 -39.16 -10.55
CA PRO A 8 -0.04 -39.03 -9.42
C PRO A 8 1.27 -39.75 -9.64
N ASP A 9 1.38 -40.55 -10.69
CA ASP A 9 2.63 -41.22 -11.04
C ASP A 9 3.17 -40.78 -12.40
N GLN A 10 2.54 -39.78 -13.02
CA GLN A 10 2.89 -39.36 -14.37
C GLN A 10 3.89 -38.22 -14.33
N PRO A 11 5.07 -38.37 -14.91
CA PRO A 11 6.01 -37.25 -14.94
C PRO A 11 5.50 -36.09 -15.79
N ARG A 12 5.83 -34.89 -15.35
CA ARG A 12 5.50 -33.66 -16.07
C ARG A 12 6.65 -32.67 -15.92
N LYS A 13 6.65 -31.66 -16.79
CA LYS A 13 7.70 -30.64 -16.73
C LYS A 13 7.70 -29.89 -15.39
N GLY A 14 8.90 -29.41 -15.01
CA GLY A 14 9.01 -28.58 -13.82
C GLY A 14 8.13 -27.35 -13.91
N ALA A 15 8.01 -26.78 -15.11
CA ALA A 15 7.10 -25.67 -15.30
C ALA A 15 5.69 -26.05 -14.86
N ASP A 16 5.26 -27.27 -15.18
CA ASP A 16 3.92 -27.70 -14.78
C ASP A 16 3.84 -27.98 -13.29
N ILE A 17 4.89 -28.56 -12.72
CA ILE A 17 4.89 -28.70 -11.26
C ILE A 17 4.72 -27.33 -10.62
N LEU A 18 5.41 -26.31 -11.13
CA LEU A 18 5.35 -24.98 -10.54
C LEU A 18 3.94 -24.38 -10.64
N VAL A 19 3.31 -24.47 -11.82
CA VAL A 19 1.94 -23.95 -11.93
C VAL A 19 1.01 -24.69 -10.96
N GLU A 20 1.07 -26.03 -10.94
CA GLU A 20 0.24 -26.75 -9.97
C GLU A 20 0.55 -26.34 -8.54
N ALA A 21 1.83 -26.10 -8.23
CA ALA A 21 2.16 -25.61 -6.90
C ALA A 21 1.41 -24.31 -6.59
N LEU A 22 1.20 -23.47 -7.63
CA LEU A 22 0.45 -22.23 -7.47
C LEU A 22 -1.03 -22.51 -7.26
N GLU A 23 -1.60 -23.38 -8.10
CA GLU A 23 -2.99 -23.79 -7.94
C GLU A 23 -3.25 -24.34 -6.54
N ARG A 24 -2.39 -25.22 -6.05
CA ARG A 24 -2.56 -25.72 -4.69
C ARG A 24 -2.43 -24.64 -3.64
N GLN A 25 -1.99 -23.43 -3.99
CA GLN A 25 -1.94 -22.33 -3.04
C GLN A 25 -3.18 -21.47 -3.11
N GLY A 26 -4.09 -21.75 -4.04
CA GLY A 26 -5.28 -20.94 -4.19
C GLY A 26 -5.15 -19.83 -5.18
N VAL A 27 -4.02 -19.74 -5.88
CA VAL A 27 -3.80 -18.64 -6.81
C VAL A 27 -4.83 -18.71 -7.92
N GLU A 28 -5.48 -17.59 -8.22
CA GLU A 28 -6.32 -17.46 -9.40
C GLU A 28 -5.79 -16.46 -10.43
N THR A 29 -4.87 -15.58 -10.03
CA THR A 29 -4.43 -14.48 -10.88
C THR A 29 -2.93 -14.32 -10.73
N VAL A 30 -2.25 -14.11 -11.85
CA VAL A 30 -0.83 -13.79 -11.86
C VAL A 30 -0.61 -12.69 -12.91
N PHE A 31 0.43 -11.91 -12.69
CA PHE A 31 0.80 -10.85 -13.62
C PHE A 31 2.15 -11.22 -14.20
N ALA A 32 2.14 -11.76 -15.42
CA ALA A 32 3.32 -12.38 -16.03
C ALA A 32 3.55 -11.83 -17.43
N TYR A 33 4.77 -11.36 -17.69
CA TYR A 33 5.22 -10.92 -18.99
C TYR A 33 6.23 -11.91 -19.56
N PRO A 34 5.97 -12.52 -20.70
CA PRO A 34 6.79 -13.65 -21.11
C PRO A 34 8.14 -13.23 -21.68
N GLY A 35 9.13 -14.09 -21.45
CA GLY A 35 10.44 -13.98 -22.06
C GLY A 35 11.05 -15.35 -22.23
N GLY A 36 12.21 -15.39 -22.90
CA GLY A 36 12.82 -16.66 -23.23
C GLY A 36 13.01 -17.57 -22.04
N ALA A 37 13.54 -17.03 -20.94
CA ALA A 37 13.82 -17.86 -19.78
C ALA A 37 12.56 -18.31 -19.03
N SER A 38 11.39 -17.73 -19.34
CA SER A 38 10.16 -18.15 -18.68
C SER A 38 9.12 -18.67 -19.66
N MET A 39 9.49 -18.90 -20.93
CA MET A 39 8.50 -19.40 -21.89
C MET A 39 7.85 -20.68 -21.40
N GLU A 40 8.61 -21.60 -20.82
CA GLU A 40 8.05 -22.84 -20.28
C GLU A 40 6.96 -22.56 -19.25
N ILE A 41 7.21 -21.63 -18.34
CA ILE A 41 6.18 -21.31 -17.36
C ILE A 41 4.92 -20.78 -18.05
N HIS A 42 5.08 -20.00 -19.12
CA HIS A 42 3.92 -19.42 -19.78
C HIS A 42 3.11 -20.49 -20.51
N GLN A 43 3.78 -21.44 -21.15
CA GLN A 43 3.07 -22.60 -21.69
C GLN A 43 2.34 -23.37 -20.59
N ALA A 44 3.00 -23.59 -19.44
CA ALA A 44 2.33 -24.32 -18.37
C ALA A 44 1.10 -23.56 -17.89
N LEU A 45 1.15 -22.23 -17.92
CA LEU A 45 0.03 -21.42 -17.47
C LEU A 45 -1.18 -21.58 -18.39
N THR A 46 -0.94 -21.58 -19.71
CA THR A 46 -2.04 -21.77 -20.66
C THR A 46 -2.76 -23.08 -20.41
N ARG A 47 -2.11 -24.05 -19.78
CA ARG A 47 -2.72 -25.35 -19.48
C ARG A 47 -3.56 -25.34 -18.21
N SER A 48 -3.51 -24.28 -17.42
CA SER A 48 -4.25 -24.22 -16.17
C SER A 48 -5.61 -23.59 -16.45
N SER A 49 -6.67 -24.28 -16.03
CA SER A 49 -8.01 -23.72 -16.16
C SER A 49 -8.36 -22.77 -15.04
N SER A 50 -7.62 -22.80 -13.93
CA SER A 50 -7.98 -21.98 -12.78
C SER A 50 -7.12 -20.72 -12.58
N ILE A 51 -6.03 -20.53 -13.34
CA ILE A 51 -5.17 -19.36 -13.17
C ILE A 51 -5.26 -18.50 -14.41
N ARG A 52 -5.66 -17.24 -14.21
CA ARG A 52 -5.67 -16.24 -15.26
C ARG A 52 -4.39 -15.42 -15.23
N ASN A 53 -3.84 -15.14 -16.41
CA ASN A 53 -2.72 -14.22 -16.52
C ASN A 53 -3.23 -12.88 -17.04
N VAL A 54 -2.94 -11.82 -16.30
CA VAL A 54 -3.06 -10.46 -16.79
C VAL A 54 -1.70 -10.07 -17.33
N LEU A 55 -1.56 -9.99 -18.65
CA LEU A 55 -0.30 -9.59 -19.25
C LEU A 55 -0.16 -8.07 -19.20
N PRO A 56 0.79 -7.54 -18.44
CA PRO A 56 1.00 -6.09 -18.43
C PRO A 56 1.78 -5.64 -19.65
N ARG A 57 2.20 -4.39 -19.72
CA ARG A 57 3.00 -3.92 -20.83
C ARG A 57 4.44 -3.59 -20.42
N HIS A 58 4.74 -3.65 -19.12
CA HIS A 58 6.07 -3.43 -18.56
C HIS A 58 6.11 -4.19 -17.25
N GLU A 59 7.22 -4.88 -16.95
CA GLU A 59 7.20 -5.72 -15.75
C GLU A 59 7.04 -4.90 -14.48
N GLN A 60 7.49 -3.65 -14.47
CA GLN A 60 7.18 -2.81 -13.32
C GLN A 60 5.66 -2.69 -13.17
N GLY A 61 4.96 -2.48 -14.28
CA GLY A 61 3.51 -2.62 -14.34
C GLY A 61 3.02 -3.90 -13.70
N GLY A 62 3.63 -5.03 -14.07
CA GLY A 62 3.22 -6.31 -13.51
C GLY A 62 3.37 -6.39 -12.00
N VAL A 63 4.56 -6.04 -11.48
CA VAL A 63 4.75 -6.15 -10.03
C VAL A 63 3.85 -5.16 -9.28
N PHE A 64 3.73 -3.91 -9.77
CA PHE A 64 2.81 -2.96 -9.14
C PHE A 64 1.36 -3.45 -9.21
N ALA A 65 0.97 -4.12 -10.30
CA ALA A 65 -0.35 -4.75 -10.33
C ALA A 65 -0.48 -5.81 -9.23
N ALA A 66 0.52 -6.69 -9.08
CA ALA A 66 0.46 -7.70 -8.01
C ALA A 66 0.37 -7.04 -6.64
N GLU A 67 1.02 -5.91 -6.45
CA GLU A 67 0.89 -5.18 -5.19
C GLU A 67 -0.55 -4.69 -5.00
N GLY A 68 -1.12 -4.06 -6.05
CA GLY A 68 -2.51 -3.63 -5.97
C GLY A 68 -3.43 -4.77 -5.61
N TYR A 69 -3.32 -5.89 -6.33
CA TYR A 69 -4.07 -7.09 -6.01
C TYR A 69 -3.91 -7.48 -4.53
N ALA A 70 -2.66 -7.55 -4.05
CA ALA A 70 -2.43 -7.90 -2.65
C ALA A 70 -3.07 -6.88 -1.72
N ARG A 71 -2.70 -5.60 -1.87
CA ARG A 71 -3.15 -4.58 -0.91
C ARG A 71 -4.66 -4.46 -0.87
N SER A 72 -5.34 -4.72 -1.99
CA SER A 72 -6.79 -4.57 -2.07
C SER A 72 -7.55 -5.83 -1.61
N SER A 73 -6.86 -6.88 -1.17
CA SER A 73 -7.53 -8.15 -0.89
C SER A 73 -7.01 -8.90 0.31
N GLY A 74 -5.79 -8.66 0.76
CA GLY A 74 -5.20 -9.51 1.77
C GLY A 74 -4.65 -10.83 1.27
N LYS A 75 -4.83 -11.18 -0.02
CA LYS A 75 -4.16 -12.32 -0.63
C LYS A 75 -2.79 -11.92 -1.14
N PRO A 76 -1.88 -12.88 -1.32
CA PRO A 76 -0.59 -12.54 -1.94
C PRO A 76 -0.76 -12.23 -3.41
N GLY A 77 0.03 -11.27 -3.88
CA GLY A 77 0.10 -10.98 -5.31
C GLY A 77 1.25 -11.73 -5.94
N ILE A 78 1.03 -12.19 -7.16
CA ILE A 78 1.99 -13.04 -7.87
C ILE A 78 2.34 -12.40 -9.20
N CYS A 79 3.61 -12.05 -9.38
CA CYS A 79 4.11 -11.62 -10.69
C CYS A 79 5.15 -12.61 -11.15
N ILE A 80 5.27 -12.74 -12.47
CA ILE A 80 6.26 -13.61 -13.09
C ILE A 80 6.98 -12.81 -14.17
N ALA A 81 8.30 -12.97 -14.23
CA ALA A 81 9.09 -12.26 -15.22
C ALA A 81 10.15 -13.21 -15.76
N THR A 82 10.65 -12.88 -16.95
CA THR A 82 11.77 -13.60 -17.51
C THR A 82 13.08 -13.19 -16.81
N SER A 83 14.18 -13.77 -17.25
CA SER A 83 15.47 -13.48 -16.65
C SER A 83 15.97 -12.08 -17.08
N GLY A 84 17.13 -11.70 -16.55
CA GLY A 84 17.80 -10.50 -16.99
C GLY A 84 16.95 -9.26 -16.85
N PRO A 85 16.69 -8.59 -17.96
CA PRO A 85 15.93 -7.33 -17.90
C PRO A 85 14.50 -7.50 -17.41
N GLY A 86 13.90 -8.68 -17.62
CA GLY A 86 12.62 -8.95 -17.00
C GLY A 86 12.75 -8.82 -15.50
N ALA A 87 13.62 -9.64 -14.91
CA ALA A 87 13.83 -9.62 -13.46
C ALA A 87 14.19 -8.22 -12.96
N THR A 88 15.13 -7.53 -13.60
CA THR A 88 15.54 -6.25 -13.02
C THR A 88 14.40 -5.24 -13.06
N ASN A 89 13.47 -5.39 -14.00
CA ASN A 89 12.31 -4.49 -14.01
C ASN A 89 11.37 -4.67 -12.81
N LEU A 90 11.51 -5.72 -12.00
CA LEU A 90 10.68 -5.89 -10.81
C LEU A 90 11.20 -5.15 -9.59
N VAL A 91 12.43 -4.64 -9.64
CA VAL A 91 13.15 -4.31 -8.41
C VAL A 91 12.42 -3.23 -7.61
N SER A 92 11.93 -2.17 -8.26
CA SER A 92 11.17 -1.16 -7.51
C SER A 92 9.93 -1.76 -6.84
N GLY A 93 9.28 -2.72 -7.51
CA GLY A 93 8.13 -3.39 -6.91
C GLY A 93 8.49 -4.16 -5.65
N LEU A 94 9.57 -4.95 -5.71
CA LEU A 94 10.03 -5.68 -4.53
C LEU A 94 10.35 -4.74 -3.38
N ALA A 95 11.20 -3.75 -3.62
CA ALA A 95 11.53 -2.82 -2.54
C ALA A 95 10.27 -2.21 -1.94
N ASP A 96 9.37 -1.75 -2.82
CA ASP A 96 8.11 -1.19 -2.37
C ASP A 96 7.34 -2.16 -1.47
N ALA A 97 7.16 -3.40 -1.92
CA ALA A 97 6.44 -4.40 -1.13
C ALA A 97 7.12 -4.65 0.22
N LEU A 98 8.46 -4.67 0.24
CA LEU A 98 9.15 -4.91 1.50
C LEU A 98 8.92 -3.77 2.50
N LEU A 99 9.00 -2.53 2.03
CA LEU A 99 8.88 -1.40 2.95
C LEU A 99 7.46 -1.25 3.48
N ASP A 100 6.46 -1.66 2.71
CA ASP A 100 5.08 -1.53 3.16
C ASP A 100 4.53 -2.82 3.72
N SER A 101 5.35 -3.87 3.82
CA SER A 101 4.94 -5.14 4.38
C SER A 101 3.73 -5.71 3.65
N VAL A 102 3.84 -5.73 2.32
CA VAL A 102 2.80 -6.24 1.41
C VAL A 102 3.21 -7.65 0.98
N PRO A 103 2.33 -8.64 1.08
CA PRO A 103 2.71 -10.01 0.70
C PRO A 103 2.72 -10.19 -0.81
N LEU A 104 3.85 -10.72 -1.31
CA LEU A 104 4.14 -10.81 -2.72
C LEU A 104 5.00 -12.04 -2.97
N VAL A 105 4.71 -12.77 -4.04
CA VAL A 105 5.56 -13.88 -4.49
C VAL A 105 5.96 -13.60 -5.93
N ALA A 106 7.24 -13.31 -6.14
CA ALA A 106 7.78 -13.01 -7.45
C ALA A 106 8.55 -14.21 -7.96
N ILE A 107 8.22 -14.66 -9.18
CA ILE A 107 8.86 -15.78 -9.83
C ILE A 107 9.56 -15.28 -11.09
N THR A 108 10.85 -15.57 -11.22
CA THR A 108 11.64 -15.12 -12.35
C THR A 108 12.31 -16.33 -13.00
N GLY A 109 12.25 -16.38 -14.32
CA GLY A 109 13.08 -17.32 -15.04
C GLY A 109 14.55 -16.98 -14.92
N GLN A 110 15.37 -18.01 -14.99
CA GLN A 110 16.81 -17.85 -14.91
C GLN A 110 17.40 -18.64 -16.06
N VAL A 111 18.64 -18.33 -16.42
CA VAL A 111 19.37 -19.12 -17.43
C VAL A 111 19.55 -20.53 -16.88
N PRO A 112 19.82 -21.52 -17.72
CA PRO A 112 20.04 -22.88 -17.22
C PRO A 112 21.15 -22.90 -16.18
N ARG A 113 21.06 -23.84 -15.24
CA ARG A 113 22.01 -23.91 -14.13
C ARG A 113 23.45 -23.88 -14.61
N ARG A 114 23.81 -24.77 -15.55
CA ARG A 114 25.22 -24.84 -15.97
C ARG A 114 25.74 -23.49 -16.45
N MET A 115 24.85 -22.59 -16.84
CA MET A 115 25.20 -21.29 -17.41
C MET A 115 25.41 -20.23 -16.34
N ILE A 116 24.91 -20.48 -15.13
CA ILE A 116 24.93 -19.47 -14.08
C ILE A 116 26.36 -19.14 -13.74
N GLY A 117 26.64 -17.83 -13.60
CA GLY A 117 27.99 -17.33 -13.33
C GLY A 117 28.83 -17.02 -14.56
N THR A 118 28.41 -17.47 -15.75
CA THR A 118 29.22 -17.34 -16.95
C THR A 118 28.95 -16.06 -17.76
N ASP A 119 28.19 -15.10 -17.23
CA ASP A 119 27.79 -13.92 -18.03
C ASP A 119 26.97 -14.35 -19.24
N ALA A 120 26.00 -15.24 -19.01
CA ALA A 120 25.25 -15.80 -20.12
C ALA A 120 24.21 -14.82 -20.63
N PHE A 121 23.68 -15.09 -21.82
CA PHE A 121 22.62 -14.28 -22.42
C PHE A 121 21.49 -14.02 -21.45
N GLN A 122 21.26 -12.74 -21.16
CA GLN A 122 20.16 -12.32 -20.30
C GLN A 122 20.28 -12.87 -18.89
N GLU A 123 21.50 -12.92 -18.36
CA GLU A 123 21.74 -13.35 -16.99
C GLU A 123 22.02 -12.13 -16.13
N THR A 124 21.33 -12.03 -14.99
CA THR A 124 21.81 -11.17 -13.93
C THR A 124 21.62 -11.91 -12.63
N PRO A 125 22.49 -11.69 -11.66
CA PRO A 125 22.41 -12.40 -10.38
C PRO A 125 21.27 -11.86 -9.54
N ILE A 126 20.03 -12.11 -9.95
CA ILE A 126 18.89 -11.47 -9.32
C ILE A 126 18.79 -11.82 -7.83
N VAL A 127 19.23 -13.03 -7.44
CA VAL A 127 19.14 -13.38 -6.03
C VAL A 127 20.09 -12.50 -5.21
N GLU A 128 21.27 -12.19 -5.75
CA GLU A 128 22.14 -11.19 -5.14
C GLU A 128 21.48 -9.81 -5.11
N VAL A 129 21.00 -9.37 -6.27
CA VAL A 129 20.47 -8.02 -6.40
C VAL A 129 19.39 -7.77 -5.37
N THR A 130 18.46 -8.72 -5.21
CA THR A 130 17.24 -8.52 -4.43
C THR A 130 17.36 -8.97 -2.98
N ARG A 131 18.50 -9.55 -2.58
CA ARG A 131 18.59 -10.10 -1.23
C ARG A 131 18.24 -9.06 -0.17
N SER A 132 18.66 -7.81 -0.35
CA SER A 132 18.40 -6.77 0.64
C SER A 132 17.07 -6.05 0.44
N ILE A 133 16.27 -6.42 -0.56
CA ILE A 133 15.02 -5.73 -0.80
C ILE A 133 13.89 -6.74 -0.93
N THR A 134 14.12 -7.96 -0.42
CA THR A 134 13.04 -8.92 -0.25
C THR A 134 13.07 -9.49 1.16
N LYS A 135 11.92 -10.01 1.58
CA LYS A 135 11.87 -10.70 2.87
C LYS A 135 12.68 -11.98 2.82
N HIS A 136 12.77 -12.61 1.66
CA HIS A 136 13.55 -13.82 1.46
C HIS A 136 13.52 -14.13 -0.03
N ASN A 137 14.53 -14.85 -0.52
CA ASN A 137 14.51 -15.30 -1.92
C ASN A 137 15.19 -16.66 -2.05
N TYR A 138 15.12 -17.21 -3.26
CA TYR A 138 15.50 -18.59 -3.54
C TYR A 138 16.03 -18.70 -4.95
N LEU A 139 17.03 -19.55 -5.13
CA LEU A 139 17.45 -19.99 -6.45
C LEU A 139 17.20 -21.49 -6.50
N VAL A 140 16.17 -21.91 -7.21
CA VAL A 140 15.85 -23.33 -7.30
C VAL A 140 16.98 -24.05 -8.03
N MET A 141 17.59 -25.03 -7.37
CA MET A 141 18.71 -25.76 -7.95
C MET A 141 18.35 -27.19 -8.37
N ASP A 142 17.09 -27.60 -8.21
CA ASP A 142 16.68 -28.95 -8.53
C ASP A 142 15.16 -29.02 -8.62
N VAL A 143 14.64 -29.63 -9.69
CA VAL A 143 13.20 -29.70 -9.89
C VAL A 143 12.49 -30.33 -8.69
N GLU A 144 13.16 -31.20 -7.95
CA GLU A 144 12.53 -31.76 -6.75
C GLU A 144 12.21 -30.72 -5.68
N ASP A 145 12.85 -29.57 -5.70
CA ASP A 145 12.58 -28.59 -4.66
C ASP A 145 11.41 -27.67 -4.99
N ILE A 146 10.84 -27.75 -6.20
CA ILE A 146 9.80 -26.79 -6.59
C ILE A 146 8.60 -26.83 -5.65
N PRO A 147 7.99 -27.99 -5.36
CA PRO A 147 6.88 -27.98 -4.41
C PRO A 147 7.24 -27.34 -3.10
N ARG A 148 8.38 -27.71 -2.52
CA ARG A 148 8.69 -27.22 -1.18
C ARG A 148 9.00 -25.73 -1.20
N ILE A 149 9.66 -25.24 -2.26
CA ILE A 149 10.06 -23.83 -2.23
C ILE A 149 8.86 -22.92 -2.45
N ILE A 150 7.95 -23.30 -3.37
CA ILE A 150 6.72 -22.52 -3.52
C ILE A 150 5.93 -22.49 -2.22
N GLU A 151 5.81 -23.64 -1.53
CA GLU A 151 5.09 -23.61 -0.27
C GLU A 151 5.80 -22.71 0.75
N GLU A 152 7.13 -22.77 0.82
CA GLU A 152 7.83 -21.91 1.77
C GLU A 152 7.67 -20.42 1.40
N ALA A 153 7.69 -20.10 0.10
CA ALA A 153 7.63 -18.69 -0.31
C ALA A 153 6.28 -18.08 0.02
N PHE A 154 5.18 -18.78 -0.31
CA PHE A 154 3.88 -18.32 0.14
C PHE A 154 3.81 -18.22 1.66
N PHE A 155 4.35 -19.21 2.37
CA PHE A 155 4.22 -19.16 3.81
C PHE A 155 4.99 -17.97 4.38
N LEU A 156 6.18 -17.68 3.83
CA LEU A 156 6.96 -16.55 4.33
C LEU A 156 6.35 -15.22 3.91
N ALA A 157 5.83 -15.16 2.68
CA ALA A 157 5.24 -13.93 2.17
C ALA A 157 4.03 -13.50 2.99
N THR A 158 3.24 -14.46 3.49
CA THR A 158 1.94 -14.14 4.08
C THR A 158 1.91 -14.23 5.60
N SER A 159 2.83 -14.97 6.21
CA SER A 159 2.86 -15.08 7.65
C SER A 159 3.69 -13.98 8.29
N GLY A 160 3.62 -13.89 9.62
CA GLY A 160 4.39 -12.89 10.36
C GLY A 160 4.14 -11.48 9.84
N ARG A 161 5.22 -10.74 9.68
CA ARG A 161 5.18 -9.45 8.99
C ARG A 161 5.22 -9.76 7.51
N PRO A 162 4.14 -9.55 6.77
CA PRO A 162 4.10 -9.95 5.37
C PRO A 162 5.12 -9.17 4.55
N GLY A 163 5.52 -9.74 3.41
CA GLY A 163 6.45 -9.10 2.53
C GLY A 163 6.76 -9.91 1.28
N PRO A 164 7.66 -9.39 0.44
CA PRO A 164 7.94 -10.04 -0.86
C PRO A 164 8.97 -11.15 -0.76
N VAL A 165 8.70 -12.21 -1.51
CA VAL A 165 9.59 -13.36 -1.61
C VAL A 165 9.75 -13.69 -3.07
N LEU A 166 11.00 -13.85 -3.52
CA LEU A 166 11.31 -14.05 -4.93
C LEU A 166 11.94 -15.43 -5.15
N VAL A 167 11.51 -16.11 -6.20
CA VAL A 167 11.91 -17.48 -6.49
C VAL A 167 12.47 -17.49 -7.91
N ASP A 168 13.77 -17.78 -8.03
CA ASP A 168 14.46 -17.79 -9.33
C ASP A 168 14.52 -19.22 -9.84
N VAL A 169 13.99 -19.44 -11.03
CA VAL A 169 13.82 -20.80 -11.55
C VAL A 169 14.58 -20.95 -12.87
N PRO A 170 15.70 -21.69 -12.87
CA PRO A 170 16.48 -21.84 -14.11
C PRO A 170 15.71 -22.59 -15.17
N LYS A 171 15.94 -22.19 -16.43
CA LYS A 171 15.15 -22.69 -17.55
C LYS A 171 15.23 -24.21 -17.67
N ASP A 172 16.37 -24.80 -17.33
CA ASP A 172 16.49 -26.26 -17.48
C ASP A 172 15.63 -26.98 -16.44
N ILE A 173 15.50 -26.42 -15.23
CA ILE A 173 14.60 -26.97 -14.21
C ILE A 173 13.15 -26.89 -14.67
N GLN A 174 12.79 -25.83 -15.40
CA GLN A 174 11.44 -25.71 -15.93
C GLN A 174 11.11 -26.84 -16.91
N GLN A 175 12.11 -27.38 -17.60
CA GLN A 175 11.90 -28.37 -18.63
C GLN A 175 12.06 -29.80 -18.13
N GLN A 176 12.77 -29.99 -17.02
CA GLN A 176 13.01 -31.33 -16.51
C GLN A 176 11.70 -32.02 -16.15
N LEU A 177 11.57 -33.29 -16.53
CA LEU A 177 10.42 -34.06 -16.13
C LEU A 177 10.58 -34.60 -14.71
N ALA A 178 9.47 -34.73 -14.00
CA ALA A 178 9.54 -35.26 -12.66
C ALA A 178 8.12 -35.53 -12.15
N ILE A 179 8.06 -36.22 -11.02
CA ILE A 179 6.81 -36.51 -10.32
C ILE A 179 6.86 -35.76 -9.00
N PRO A 180 6.09 -34.69 -8.84
CA PRO A 180 6.19 -33.88 -7.63
C PRO A 180 5.79 -34.69 -6.42
N ASN A 181 6.35 -34.32 -5.28
CA ASN A 181 5.93 -34.84 -3.98
C ASN A 181 5.38 -33.67 -3.18
N TRP A 182 4.06 -33.65 -3.01
CA TRP A 182 3.41 -32.54 -2.33
C TRP A 182 3.39 -32.70 -0.82
N GLU A 183 4.00 -33.74 -0.27
CA GLU A 183 4.00 -33.97 1.17
C GLU A 183 5.27 -33.50 1.85
N GLN A 184 6.25 -33.01 1.09
CA GLN A 184 7.49 -32.52 1.66
C GLN A 184 7.22 -31.51 2.78
N ALA A 185 7.93 -31.66 3.88
CA ALA A 185 7.83 -30.67 4.94
C ALA A 185 8.58 -29.40 4.58
N MET A 186 8.23 -28.32 5.25
CA MET A 186 8.93 -27.07 5.01
C MET A 186 10.19 -27.05 5.87
N ARG A 187 11.24 -26.40 5.36
CA ARG A 187 12.50 -26.30 6.09
C ARG A 187 12.68 -24.90 6.67
N LEU A 188 11.78 -24.54 7.58
CA LEU A 188 11.93 -23.23 8.19
C LEU A 188 12.01 -23.36 9.70
N PRO A 189 12.90 -24.20 10.23
CA PRO A 189 12.97 -24.38 11.68
C PRO A 189 13.10 -23.08 12.47
N GLY A 190 14.07 -22.24 12.12
CA GLY A 190 14.31 -21.04 12.90
C GLY A 190 13.15 -20.06 12.81
N TYR A 191 12.74 -19.75 11.59
CA TYR A 191 11.63 -18.81 11.38
C TYR A 191 10.38 -19.26 12.12
N MET A 192 9.97 -20.52 11.93
CA MET A 192 8.80 -21.02 12.65
C MET A 192 9.02 -21.00 14.16
N SER A 193 10.22 -21.35 14.61
CA SER A 193 10.53 -21.29 16.03
C SER A 193 10.39 -19.89 16.61
N ARG A 194 10.49 -18.85 15.79
CA ARG A 194 10.46 -17.48 16.30
C ARG A 194 9.15 -16.77 15.99
N MET A 195 8.16 -17.47 15.44
CA MET A 195 6.85 -16.87 15.26
C MET A 195 6.27 -16.50 16.62
N PRO A 196 5.71 -15.29 16.76
CA PRO A 196 5.18 -14.89 18.07
C PRO A 196 4.03 -15.77 18.51
N LYS A 197 3.95 -15.96 19.82
CA LYS A 197 2.86 -16.71 20.43
C LYS A 197 1.70 -15.78 20.70
N PRO A 198 0.53 -16.33 21.02
CA PRO A 198 -0.60 -15.46 21.33
C PRO A 198 -0.32 -14.71 22.63
N PRO A 199 -0.85 -13.50 22.76
CA PRO A 199 -0.45 -12.67 23.91
C PRO A 199 -0.91 -13.23 25.24
N GLU A 200 -0.04 -13.10 26.24
CA GLU A 200 -0.37 -13.50 27.61
C GLU A 200 -1.29 -12.46 28.25
N ASP A 201 -2.27 -12.94 29.02
CA ASP A 201 -3.15 -12.01 29.74
C ASP A 201 -2.37 -11.19 30.76
N SER A 202 -1.24 -11.71 31.24
CA SER A 202 -0.30 -10.91 32.01
C SER A 202 -0.08 -9.54 31.35
N HIS A 203 0.42 -9.52 30.11
CA HIS A 203 0.69 -8.26 29.42
C HIS A 203 -0.61 -7.52 29.08
N LEU A 204 -1.67 -8.25 28.73
CA LEU A 204 -2.92 -7.60 28.32
C LEU A 204 -3.56 -6.83 29.47
N GLU A 205 -3.63 -7.46 30.66
CA GLU A 205 -4.22 -6.77 31.81
C GLU A 205 -3.42 -5.52 32.17
N GLN A 206 -2.09 -5.60 32.14
CA GLN A 206 -1.28 -4.42 32.43
C GLN A 206 -1.62 -3.25 31.52
N ILE A 207 -2.01 -3.53 30.27
CA ILE A 207 -2.36 -2.44 29.35
C ILE A 207 -3.72 -1.86 29.73
N VAL A 208 -4.75 -2.70 29.85
CA VAL A 208 -6.04 -2.19 30.29
C VAL A 208 -5.90 -1.45 31.62
N ARG A 209 -4.96 -1.87 32.46
CA ARG A 209 -4.68 -1.14 33.68
C ARG A 209 -4.21 0.28 33.36
N LEU A 210 -3.15 0.40 32.55
CA LEU A 210 -2.60 1.70 32.21
C LEU A 210 -3.64 2.62 31.59
N ILE A 211 -4.63 2.06 30.89
CA ILE A 211 -5.68 2.85 30.27
C ILE A 211 -6.50 3.58 31.34
N SER A 212 -6.95 2.84 32.37
CA SER A 212 -7.79 3.43 33.41
C SER A 212 -7.03 4.45 34.25
N GLU A 213 -5.73 4.23 34.46
CA GLU A 213 -4.90 5.22 35.15
C GLU A 213 -4.61 6.47 34.33
N SER A 214 -4.95 6.50 33.05
CA SER A 214 -4.53 7.60 32.18
C SER A 214 -5.67 8.59 31.95
N LYS A 215 -5.29 9.85 31.71
CA LYS A 215 -6.26 10.90 31.46
C LYS A 215 -6.34 11.35 29.99
N LYS A 216 -5.25 11.26 29.22
CA LYS A 216 -5.21 11.72 27.83
C LYS A 216 -4.64 10.64 26.90
N PRO A 217 -5.41 9.57 26.64
CA PRO A 217 -4.89 8.48 25.78
C PRO A 217 -5.15 8.74 24.30
N VAL A 218 -4.22 8.28 23.46
CA VAL A 218 -4.40 8.33 22.02
C VAL A 218 -4.04 6.98 21.39
N LEU A 219 -4.94 6.46 20.55
CA LEU A 219 -4.57 5.35 19.68
C LEU A 219 -3.75 5.87 18.50
N TYR A 220 -2.69 5.13 18.16
CA TYR A 220 -1.76 5.44 17.07
C TYR A 220 -1.70 4.19 16.21
N VAL A 221 -2.46 4.19 15.12
CA VAL A 221 -2.85 2.98 14.40
C VAL A 221 -2.24 3.02 13.02
N GLY A 222 -1.73 1.87 12.55
CA GLY A 222 -1.00 1.79 11.30
C GLY A 222 -1.37 0.61 10.42
N GLY A 223 -0.54 0.34 9.41
CA GLY A 223 -0.82 -0.74 8.49
C GLY A 223 -1.03 -2.09 9.13
N GLY A 224 -0.45 -2.30 10.33
CA GLY A 224 -0.59 -3.56 11.05
C GLY A 224 -2.01 -3.87 11.53
N CYS A 225 -2.93 -2.91 11.48
CA CYS A 225 -4.29 -3.16 11.92
C CYS A 225 -5.25 -3.43 10.78
N LEU A 226 -4.75 -3.60 9.55
CA LEU A 226 -5.63 -3.73 8.40
C LEU A 226 -6.47 -5.00 8.42
N ASN A 227 -6.16 -5.96 9.30
CA ASN A 227 -7.00 -7.15 9.46
C ASN A 227 -7.71 -7.15 10.80
N SER A 228 -7.80 -5.98 11.44
CA SER A 228 -8.31 -5.86 12.79
C SER A 228 -9.43 -4.83 12.86
N SER A 229 -10.03 -4.52 11.71
CA SER A 229 -11.06 -3.48 11.64
C SER A 229 -12.11 -3.66 12.73
N ASP A 230 -12.66 -4.87 12.85
CA ASP A 230 -13.73 -5.13 13.82
C ASP A 230 -13.21 -5.07 15.26
N GLU A 231 -12.16 -5.85 15.57
CA GLU A 231 -11.58 -5.80 16.91
C GLU A 231 -11.24 -4.38 17.32
N LEU A 232 -10.63 -3.59 16.42
CA LEU A 232 -10.26 -2.23 16.78
C LEU A 232 -11.48 -1.38 17.02
N GLY A 233 -12.53 -1.56 16.21
CA GLY A 233 -13.76 -0.83 16.45
C GLY A 233 -14.35 -1.13 17.81
N ARG A 234 -14.53 -2.42 18.12
CA ARG A 234 -14.94 -2.83 19.45
C ARG A 234 -14.07 -2.18 20.53
N PHE A 235 -12.75 -2.29 20.39
CA PHE A 235 -11.85 -1.70 21.37
C PHE A 235 -12.12 -0.20 21.55
N VAL A 236 -12.42 0.51 20.47
CA VAL A 236 -12.63 1.95 20.62
C VAL A 236 -13.95 2.23 21.36
N GLU A 237 -14.97 1.41 21.15
CA GLU A 237 -16.24 1.69 21.82
C GLU A 237 -16.16 1.37 23.31
N LEU A 238 -15.52 0.27 23.69
CA LEU A 238 -15.32 -0.02 25.11
C LEU A 238 -14.42 0.97 25.82
N THR A 239 -13.70 1.82 25.11
CA THR A 239 -12.79 2.75 25.77
C THR A 239 -12.98 4.19 25.37
N GLY A 240 -13.58 4.45 24.23
CA GLY A 240 -13.72 5.82 23.74
C GLY A 240 -12.41 6.59 23.69
N ILE A 241 -11.32 5.92 23.30
CA ILE A 241 -10.04 6.63 23.08
C ILE A 241 -10.00 7.13 21.63
N PRO A 242 -9.63 8.38 21.40
CA PRO A 242 -9.55 8.87 20.02
C PRO A 242 -8.42 8.21 19.23
N VAL A 243 -8.62 8.15 17.91
CA VAL A 243 -7.85 7.29 17.01
C VAL A 243 -7.10 8.15 15.98
N ALA A 244 -5.78 8.18 16.06
CA ALA A 244 -4.93 8.73 15.00
C ALA A 244 -4.33 7.60 14.16
N SER A 245 -4.26 7.83 12.84
CA SER A 245 -3.83 6.78 11.93
C SER A 245 -2.67 7.27 11.07
N THR A 246 -1.81 6.35 10.65
CA THR A 246 -0.75 6.62 9.69
C THR A 246 -1.27 6.54 8.26
N LEU A 247 -0.41 6.95 7.33
CA LEU A 247 -0.74 6.85 5.92
C LEU A 247 -1.17 5.43 5.57
N MET A 248 -0.54 4.42 6.17
CA MET A 248 -0.83 3.03 5.83
C MET A 248 -2.05 2.50 6.59
N GLY A 249 -2.35 3.10 7.74
CA GLY A 249 -3.49 2.64 8.48
C GLY A 249 -4.84 3.12 8.00
N LEU A 250 -4.89 4.07 7.06
CA LEU A 250 -6.16 4.71 6.71
C LEU A 250 -7.25 3.67 6.48
N GLY A 251 -8.39 3.90 7.11
CA GLY A 251 -9.53 3.03 6.98
C GLY A 251 -9.57 1.86 7.94
N SER A 252 -8.51 1.62 8.71
CA SER A 252 -8.58 0.65 9.81
C SER A 252 -9.75 1.00 10.71
N TYR A 253 -9.69 2.21 11.32
CA TYR A 253 -10.79 2.92 11.94
C TYR A 253 -11.42 3.86 10.91
N PRO A 254 -12.75 3.91 10.80
CA PRO A 254 -13.47 4.68 9.78
C PRO A 254 -13.12 6.18 9.85
N ASP A 256 -14.70 8.87 8.61
CA ASP A 256 -15.82 9.70 9.03
C ASP A 256 -16.41 9.16 10.30
N ASP A 257 -15.86 9.58 11.44
CA ASP A 257 -16.31 9.07 12.72
C ASP A 257 -15.91 10.06 13.80
N GLU A 258 -16.78 10.21 14.80
CA GLU A 258 -16.60 11.31 15.73
C GLU A 258 -15.30 11.16 16.53
N LEU A 259 -14.85 9.92 16.72
CA LEU A 259 -13.67 9.64 17.51
C LEU A 259 -12.38 9.68 16.70
N SER A 260 -12.48 10.00 15.42
CA SER A 260 -11.38 9.87 14.48
C SER A 260 -10.58 11.18 14.41
N LEU A 261 -9.31 11.13 14.82
CA LEU A 261 -8.37 12.24 14.68
C LEU A 261 -7.78 12.35 13.28
N HIS A 262 -8.09 11.39 12.41
CA HIS A 262 -7.52 11.34 11.05
C HIS A 262 -6.01 11.06 11.12
N MET A 263 -5.27 11.53 10.13
CA MET A 263 -3.89 11.10 9.97
C MET A 263 -2.95 12.01 10.72
N LEU A 264 -1.88 11.43 11.27
CA LEU A 264 -0.87 12.21 11.98
C LEU A 264 0.40 12.23 11.15
N GLY A 265 1.40 12.92 11.64
CA GLY A 265 2.70 12.95 10.97
C GLY A 265 2.95 14.28 10.28
N MET A 266 3.93 14.25 9.37
CA MET A 266 4.43 15.45 8.71
C MET A 266 3.32 16.24 8.02
N HIS A 267 2.34 15.54 7.46
CA HIS A 267 1.18 16.18 6.85
C HIS A 267 -0.10 15.73 7.55
N GLY A 268 0.02 15.44 8.86
CA GLY A 268 -1.14 15.12 9.65
C GLY A 268 -1.96 16.35 10.04
N THR A 269 -3.20 16.11 10.41
CA THR A 269 -4.06 17.17 10.90
C THR A 269 -3.44 17.82 12.15
N VAL A 270 -3.75 19.11 12.34
CA VAL A 270 -3.22 19.81 13.51
C VAL A 270 -3.69 19.13 14.80
N TYR A 271 -4.95 18.65 14.82
CA TYR A 271 -5.49 18.07 16.04
C TYR A 271 -4.87 16.70 16.34
N ALA A 272 -4.67 15.86 15.32
CA ALA A 272 -4.06 14.55 15.56
C ALA A 272 -2.65 14.68 16.11
N ASN A 273 -1.84 15.56 15.52
CA ASN A 273 -0.51 15.78 16.07
C ASN A 273 -0.57 16.42 17.46
N TYR A 274 -1.61 17.20 17.74
CA TYR A 274 -1.77 17.78 19.06
C TYR A 274 -2.06 16.69 20.09
N ALA A 275 -3.06 15.85 19.80
CA ALA A 275 -3.36 14.70 20.66
C ALA A 275 -2.10 13.95 21.06
N VAL A 276 -1.23 13.65 20.11
CA VAL A 276 -0.03 12.89 20.43
C VAL A 276 0.95 13.74 21.24
N GLU A 277 1.12 15.00 20.86
CA GLU A 277 2.08 15.86 21.55
C GLU A 277 1.78 15.90 23.04
N HIS A 278 0.50 15.93 23.41
CA HIS A 278 0.04 16.15 24.77
C HIS A 278 -0.61 14.92 25.39
N SER A 279 -0.37 13.74 24.84
CA SER A 279 -0.96 12.55 25.42
C SER A 279 -0.07 12.04 26.55
N ASP A 280 -0.69 11.29 27.46
CA ASP A 280 0.03 10.57 28.50
C ASP A 280 0.09 9.07 28.23
N LEU A 281 -0.89 8.51 27.52
CA LEU A 281 -0.85 7.12 27.09
C LEU A 281 -0.98 7.06 25.57
N LEU A 282 0.02 6.47 24.92
CA LEU A 282 0.04 6.30 23.47
C LEU A 282 -0.07 4.80 23.15
N LEU A 283 -1.19 4.39 22.56
CA LEU A 283 -1.40 3.01 22.15
C LEU A 283 -0.98 2.84 20.69
N ALA A 284 0.29 2.47 20.49
CA ALA A 284 0.89 2.28 19.17
C ALA A 284 0.61 0.86 18.69
N PHE A 285 -0.51 0.69 17.98
CA PHE A 285 -0.92 -0.61 17.44
C PHE A 285 -0.63 -0.71 15.94
N GLY A 286 0.32 -1.57 15.57
CA GLY A 286 0.53 -1.88 14.17
C GLY A 286 1.25 -0.80 13.38
N VAL A 287 2.20 -0.11 14.02
CA VAL A 287 2.88 1.05 13.45
C VAL A 287 4.37 0.85 13.69
N ARG A 288 5.19 1.66 13.01
CA ARG A 288 6.63 1.47 13.08
C ARG A 288 7.38 2.77 13.36
N PHE A 289 6.73 3.75 13.98
CA PHE A 289 7.38 5.01 14.39
C PHE A 289 8.31 5.54 13.30
N ASP A 290 7.74 5.73 12.12
CA ASP A 290 8.47 6.23 10.95
C ASP A 290 8.81 7.71 11.11
N ASP A 291 9.89 8.15 10.43
CA ASP A 291 10.31 9.56 10.57
C ASP A 291 9.28 10.53 9.99
N ARG A 292 8.59 10.17 8.90
CA ARG A 292 7.45 10.96 8.45
C ARG A 292 6.44 11.19 9.57
N VAL A 293 6.30 10.24 10.48
CA VAL A 293 5.30 10.39 11.53
C VAL A 293 5.87 11.06 12.77
N THR A 294 7.11 10.76 13.16
CA THR A 294 7.57 11.23 14.46
C THR A 294 8.22 12.60 14.41
N GLY A 295 8.93 12.94 13.34
CA GLY A 295 9.77 14.11 13.45
C GLY A 295 10.84 13.81 14.48
N LYS A 296 11.32 14.87 15.15
CA LYS A 296 12.34 14.66 16.18
C LYS A 296 11.81 13.69 17.22
N LEU A 297 12.52 12.57 17.41
CA LEU A 297 12.00 11.48 18.25
C LEU A 297 11.89 11.92 19.71
N GLU A 298 12.92 12.59 20.24
CA GLU A 298 12.87 13.06 21.61
C GLU A 298 11.62 13.89 21.86
N ALA A 299 11.15 14.60 20.84
CA ALA A 299 9.94 15.42 20.96
C ALA A 299 8.66 14.62 20.78
N PHE A 300 8.74 13.44 20.16
CA PHE A 300 7.54 12.70 19.81
C PHE A 300 6.93 12.05 21.04
N ALA A 301 5.64 12.28 21.28
CA ALA A 301 4.94 11.76 22.46
C ALA A 301 5.83 11.85 23.70
N SER A 302 6.44 13.03 23.88
CA SER A 302 7.47 13.29 24.87
C SER A 302 7.00 13.07 26.30
N ARG A 303 5.70 12.97 26.54
CA ARG A 303 5.23 12.77 27.90
C ARG A 303 4.11 11.73 27.93
N ALA A 304 4.29 10.65 27.18
CA ALA A 304 3.32 9.57 27.14
C ALA A 304 3.99 8.27 27.56
N LYS A 305 3.24 7.46 28.33
CA LYS A 305 3.56 6.04 28.46
C LYS A 305 3.21 5.34 27.16
N ILE A 306 4.21 4.75 26.50
CA ILE A 306 4.09 4.23 25.15
C ILE A 306 3.89 2.71 25.20
N VAL A 307 2.77 2.26 24.66
CA VAL A 307 2.44 0.84 24.53
C VAL A 307 2.57 0.47 23.05
N HIS A 308 3.55 -0.37 22.71
CA HIS A 308 3.81 -0.76 21.33
C HIS A 308 3.48 -2.25 21.18
N ILE A 309 2.46 -2.56 20.37
CA ILE A 309 2.09 -3.93 20.02
C ILE A 309 2.45 -4.15 18.55
N ASP A 310 3.47 -4.98 18.29
CA ASP A 310 3.93 -5.24 16.93
C ASP A 310 4.24 -6.72 16.76
N ILE A 311 3.99 -7.23 15.56
CA ILE A 311 4.23 -8.65 15.28
C ILE A 311 5.67 -8.95 14.97
N ASP A 312 6.51 -7.93 14.80
CA ASP A 312 7.92 -8.08 14.46
C ASP A 312 8.73 -7.54 15.64
N SER A 313 9.42 -8.44 16.35
CA SER A 313 10.20 -8.00 17.50
C SER A 313 11.26 -6.97 17.13
N ALA A 314 11.78 -7.03 15.90
CA ALA A 314 12.79 -6.07 15.49
C ALA A 314 12.26 -4.65 15.48
N GLU A 315 10.95 -4.47 15.32
CA GLU A 315 10.38 -3.14 15.34
C GLU A 315 10.25 -2.57 16.75
N ILE A 316 10.18 -3.42 17.75
CA ILE A 316 9.87 -2.97 19.11
C ILE A 316 11.08 -2.29 19.72
N GLY A 317 10.91 -1.05 20.17
CA GLY A 317 11.99 -0.22 20.64
C GLY A 317 13.08 0.07 19.62
N LYS A 318 12.74 0.09 18.34
CA LYS A 318 13.77 0.36 17.33
C LYS A 318 14.05 1.85 17.15
N ASN A 319 13.03 2.73 17.30
CA ASN A 319 13.23 4.18 17.17
C ASN A 319 12.77 4.92 18.40
N LYS A 320 11.66 4.50 19.01
CA LYS A 320 11.17 5.00 20.28
C LYS A 320 11.07 3.85 21.26
N THR A 321 11.45 4.08 22.51
CA THR A 321 11.46 2.98 23.47
C THR A 321 10.12 2.92 24.17
N PRO A 322 9.37 1.83 24.06
CA PRO A 322 8.08 1.76 24.71
C PRO A 322 8.27 1.52 26.20
N HIS A 323 7.23 1.87 26.96
CA HIS A 323 7.18 1.44 28.36
C HIS A 323 6.80 -0.02 28.37
N VAL A 324 5.55 -0.31 28.00
CA VAL A 324 5.05 -1.66 27.75
C VAL A 324 5.28 -2.04 26.29
N SER A 325 5.53 -3.31 26.05
CA SER A 325 5.60 -3.86 24.70
C SER A 325 4.86 -5.20 24.65
N VAL A 326 4.40 -5.56 23.46
CA VAL A 326 3.74 -6.84 23.21
C VAL A 326 4.08 -7.29 21.80
N CYS A 327 4.89 -8.33 21.67
CA CYS A 327 5.25 -8.85 20.36
C CYS A 327 4.23 -9.90 19.97
N GLY A 328 3.30 -9.54 19.08
CA GLY A 328 2.29 -10.48 18.66
C GLY A 328 1.31 -9.84 17.70
N ASP A 329 0.35 -10.65 17.29
CA ASP A 329 -0.69 -10.20 16.35
C ASP A 329 -1.62 -9.22 17.05
N VAL A 330 -1.65 -7.97 16.57
CA VAL A 330 -2.51 -6.96 17.19
C VAL A 330 -3.96 -7.43 17.25
N LYS A 331 -4.39 -8.24 16.27
CA LYS A 331 -5.77 -8.74 16.26
C LYS A 331 -6.07 -9.56 17.51
N LEU A 332 -5.14 -10.43 17.92
CA LEU A 332 -5.33 -11.16 19.17
C LEU A 332 -5.30 -10.25 20.37
N ALA A 333 -4.27 -9.40 20.47
CA ALA A 333 -4.20 -8.45 21.57
C ALA A 333 -5.51 -7.67 21.72
N LEU A 334 -6.10 -7.22 20.61
CA LEU A 334 -7.38 -6.52 20.71
C LEU A 334 -8.48 -7.45 21.22
N GLN A 335 -8.52 -8.69 20.73
CA GLN A 335 -9.56 -9.60 21.20
C GLN A 335 -9.44 -9.86 22.69
N GLY A 336 -8.21 -9.95 23.19
CA GLY A 336 -8.02 -10.17 24.62
C GLY A 336 -8.38 -8.95 25.44
N MET A 337 -7.84 -7.79 25.05
CA MET A 337 -8.18 -6.58 25.77
C MET A 337 -9.67 -6.31 25.74
N ASN A 338 -10.34 -6.69 24.66
CA ASN A 338 -11.77 -6.43 24.59
C ASN A 338 -12.53 -7.28 25.59
N LYS A 339 -12.10 -8.51 25.84
CA LYS A 339 -12.74 -9.33 26.88
C LYS A 339 -12.56 -8.69 28.25
N VAL A 340 -11.31 -8.46 28.67
CA VAL A 340 -11.05 -7.74 29.91
C VAL A 340 -11.91 -6.49 30.04
N LEU A 341 -11.92 -5.64 29.01
CA LEU A 341 -12.67 -4.39 29.09
C LEU A 341 -14.14 -4.65 29.37
N GLU A 342 -14.81 -5.41 28.50
CA GLU A 342 -16.24 -5.63 28.68
C GLU A 342 -16.56 -6.24 30.05
N ASN A 343 -15.72 -7.16 30.53
CA ASN A 343 -15.93 -7.78 31.84
C ASN A 343 -15.76 -6.77 32.97
N ARG A 344 -14.53 -6.28 33.16
CA ARG A 344 -14.24 -5.28 34.18
C ARG A 344 -14.80 -3.91 33.80
N ALA A 345 -15.90 -3.86 33.04
CA ALA A 345 -16.45 -2.59 32.62
C ALA A 345 -16.75 -1.69 33.81
N GLU A 346 -17.42 -2.24 34.82
CA GLU A 346 -17.89 -1.45 35.96
C GLU A 346 -16.74 -0.93 36.79
N GLU A 347 -15.87 -1.82 37.27
CA GLU A 347 -14.74 -1.40 38.10
C GLU A 347 -13.91 -0.31 37.43
N LEU A 348 -13.92 -0.26 36.09
CA LEU A 348 -13.10 0.69 35.34
C LEU A 348 -13.81 2.03 35.17
N LYS A 349 -15.10 2.01 34.82
CA LYS A 349 -15.85 3.25 34.62
C LYS A 349 -15.01 4.24 33.81
N LEU A 350 -14.82 3.89 32.54
CA LEU A 350 -13.88 4.62 31.68
C LEU A 350 -14.63 5.78 31.05
N ASP A 351 -14.11 7.00 31.24
CA ASP A 351 -14.71 8.16 30.61
C ASP A 351 -13.60 9.16 30.32
N PHE A 352 -13.28 9.30 29.02
CA PHE A 352 -12.29 10.26 28.55
C PHE A 352 -12.92 11.47 27.88
N GLY A 353 -14.23 11.66 28.04
CA GLY A 353 -14.95 12.75 27.39
C GLY A 353 -14.33 14.13 27.58
N VAL A 354 -13.55 14.29 28.65
CA VAL A 354 -12.97 15.59 28.94
C VAL A 354 -11.73 15.83 28.08
N TRP A 355 -10.95 14.77 27.87
CA TRP A 355 -9.83 14.81 26.92
C TRP A 355 -10.34 14.89 25.49
N ARG A 356 -11.33 14.04 25.15
CA ARG A 356 -11.97 14.11 23.85
C ARG A 356 -12.50 15.50 23.57
N ASN A 357 -12.89 16.23 24.62
CA ASN A 357 -13.38 17.58 24.40
C ASN A 357 -12.25 18.54 24.10
N GLU A 358 -11.12 18.42 24.84
CA GLU A 358 -9.97 19.27 24.56
C GLU A 358 -9.54 19.14 23.10
N LEU A 359 -9.67 17.93 22.54
CA LEU A 359 -9.26 17.68 21.16
C LEU A 359 -10.29 18.18 20.17
N ASN A 360 -11.60 17.97 20.45
CA ASN A 360 -12.62 18.50 19.55
C ASN A 360 -12.59 20.01 19.47
N VAL A 361 -11.93 20.67 20.41
CA VAL A 361 -11.71 22.10 20.28
C VAL A 361 -10.63 22.38 19.25
N GLN A 362 -9.48 21.72 19.36
CA GLN A 362 -8.49 21.76 18.28
C GLN A 362 -9.12 21.34 16.95
N LYS A 363 -9.88 20.24 16.95
CA LYS A 363 -10.50 19.78 15.71
C LYS A 363 -11.37 20.87 15.09
N GLN A 364 -11.88 21.79 15.91
CA GLN A 364 -12.72 22.87 15.41
C GLN A 364 -11.92 24.13 15.08
N LYS A 365 -10.87 24.42 15.83
CA LYS A 365 -10.05 25.57 15.53
C LYS A 365 -9.19 25.35 14.27
N PHE A 366 -8.74 24.12 14.02
CA PHE A 366 -7.73 23.84 13.00
C PHE A 366 -8.12 22.65 12.14
N PRO A 367 -9.25 22.73 11.45
CA PRO A 367 -9.59 21.70 10.46
C PRO A 367 -8.74 21.86 9.20
N LEU A 368 -8.76 20.81 8.37
CA LEU A 368 -8.12 20.89 7.06
C LEU A 368 -8.90 21.84 6.16
N SER A 369 -8.20 22.74 5.49
CA SER A 369 -8.87 23.79 4.74
C SER A 369 -8.16 24.04 3.42
N PHE A 370 -8.94 24.41 2.40
CA PHE A 370 -8.40 24.81 1.10
C PHE A 370 -9.09 26.05 0.59
N LYS A 371 -8.33 26.88 -0.17
CA LYS A 371 -8.89 28.04 -0.85
C LYS A 371 -9.48 27.64 -2.20
N THR A 372 -10.46 28.41 -2.65
CA THR A 372 -11.04 28.28 -3.99
C THR A 372 -10.82 29.59 -4.73
N PHE A 373 -9.98 29.58 -5.76
CA PHE A 373 -9.65 30.78 -6.52
C PHE A 373 -10.47 30.85 -7.82
N GLY A 374 -11.37 31.83 -7.89
CA GLY A 374 -12.12 32.00 -9.11
C GLY A 374 -12.86 30.72 -9.48
N GLU A 375 -12.76 30.35 -10.75
CA GLU A 375 -13.37 29.13 -11.25
C GLU A 375 -12.38 27.97 -11.32
N ALA A 376 -11.13 28.18 -10.87
CA ALA A 376 -10.13 27.13 -10.86
C ALA A 376 -10.54 25.98 -9.94
N ILE A 377 -10.36 24.75 -10.43
CA ILE A 377 -10.66 23.54 -9.65
C ILE A 377 -9.62 23.34 -8.54
N PRO A 378 -10.03 23.31 -7.27
CA PRO A 378 -9.11 22.89 -6.21
C PRO A 378 -9.02 21.39 -6.13
N PRO A 379 -7.81 20.82 -6.15
CA PRO A 379 -7.72 19.35 -6.09
C PRO A 379 -8.44 18.76 -4.88
N GLN A 380 -8.24 19.35 -3.70
CA GLN A 380 -8.95 18.88 -2.50
C GLN A 380 -10.44 18.75 -2.77
N TYR A 381 -11.03 19.76 -3.43
CA TYR A 381 -12.47 19.75 -3.67
C TYR A 381 -12.86 18.61 -4.60
N ALA A 382 -12.03 18.35 -5.62
CA ALA A 382 -12.34 17.29 -6.58
C ALA A 382 -12.38 15.93 -5.88
N ILE A 383 -11.39 15.68 -5.01
CA ILE A 383 -11.40 14.44 -4.24
C ILE A 383 -12.65 14.38 -3.37
N LYS A 384 -13.00 15.49 -2.70
CA LYS A 384 -14.19 15.51 -1.85
C LYS A 384 -15.45 15.18 -2.66
N VAL A 385 -15.55 15.71 -3.88
CA VAL A 385 -16.69 15.38 -4.72
C VAL A 385 -16.68 13.90 -5.09
N LEU A 386 -15.50 13.36 -5.43
CA LEU A 386 -15.40 11.93 -5.73
C LEU A 386 -15.88 11.10 -4.54
N ASP A 387 -15.48 11.50 -3.33
CA ASP A 387 -15.97 10.85 -2.12
C ASP A 387 -17.50 10.91 -2.09
N GLU A 388 -18.06 12.12 -2.24
CA GLU A 388 -19.50 12.29 -2.22
C GLU A 388 -20.21 11.39 -3.22
N LEU A 389 -19.76 11.41 -4.48
CA LEU A 389 -20.46 10.67 -5.52
C LEU A 389 -20.21 9.16 -5.49
N THR A 390 -19.20 8.69 -4.76
CA THR A 390 -19.00 7.26 -4.62
C THR A 390 -19.47 6.75 -3.27
N ASP A 391 -19.90 7.66 -2.40
CA ASP A 391 -20.39 7.30 -1.08
C ASP A 391 -19.28 6.67 -0.24
N GLY A 392 -18.05 7.13 -0.45
CA GLY A 392 -16.93 6.64 0.32
C GLY A 392 -16.66 5.16 0.16
N LYS A 393 -17.15 4.56 -0.92
CA LYS A 393 -17.10 3.12 -1.12
C LYS A 393 -16.07 2.71 -2.17
N ALA A 394 -15.34 3.65 -2.76
CA ALA A 394 -14.39 3.31 -3.83
C ALA A 394 -13.09 2.75 -3.25
N ILE A 395 -12.43 1.92 -4.05
CA ILE A 395 -11.04 1.58 -3.82
C ILE A 395 -10.18 2.64 -4.50
N ILE A 396 -9.31 3.29 -3.73
CA ILE A 396 -8.51 4.41 -4.19
C ILE A 396 -7.05 3.96 -4.17
N SER A 397 -6.41 3.99 -5.34
CA SER A 397 -4.97 3.91 -5.47
C SER A 397 -4.43 5.26 -5.92
N THR A 398 -3.17 5.52 -5.64
CA THR A 398 -2.61 6.82 -5.95
C THR A 398 -1.17 6.69 -6.44
N GLY A 399 -0.68 7.77 -7.04
CA GLY A 399 0.73 7.97 -7.21
C GLY A 399 1.34 8.57 -5.95
N VAL A 400 2.45 9.27 -6.12
CA VAL A 400 3.17 9.84 -5.00
C VAL A 400 3.33 11.34 -5.22
N GLY A 401 3.10 12.12 -4.17
CA GLY A 401 3.24 13.56 -4.22
C GLY A 401 2.07 14.25 -3.56
N GLN A 402 1.86 15.52 -3.95
CA GLN A 402 0.77 16.30 -3.38
C GLN A 402 -0.57 15.58 -3.53
N HIS A 403 -0.85 15.07 -4.73
CA HIS A 403 -2.15 14.42 -4.96
C HIS A 403 -2.36 13.25 -4.01
N GLN A 404 -1.27 12.61 -3.58
CA GLN A 404 -1.39 11.48 -2.67
C GLN A 404 -1.81 11.95 -1.29
N MET A 405 -1.18 13.00 -0.78
CA MET A 405 -1.63 13.57 0.48
C MET A 405 -3.11 13.99 0.41
N TRP A 406 -3.51 14.64 -0.68
CA TRP A 406 -4.91 15.05 -0.78
C TRP A 406 -5.83 13.83 -0.79
N ALA A 407 -5.50 12.80 -1.55
CA ALA A 407 -6.32 11.59 -1.52
C ALA A 407 -6.35 10.98 -0.11
N ALA A 408 -5.29 11.17 0.68
CA ALA A 408 -5.34 10.75 2.07
C ALA A 408 -6.27 11.65 2.86
N GLN A 409 -6.11 12.98 2.72
CA GLN A 409 -6.80 13.93 3.60
C GLN A 409 -8.29 14.05 3.30
N PHE A 410 -8.69 14.03 2.02
CA PHE A 410 -10.04 14.43 1.66
C PHE A 410 -10.92 13.31 1.14
N TYR A 411 -10.56 12.06 1.43
CA TYR A 411 -11.45 10.94 1.17
C TYR A 411 -11.60 10.15 2.46
N ASN A 412 -12.82 9.68 2.70
CA ASN A 412 -13.20 9.06 3.96
C ASN A 412 -13.23 7.55 3.76
N TYR A 413 -12.11 6.91 4.02
CA TYR A 413 -12.07 5.46 3.93
C TYR A 413 -12.87 4.86 5.08
N LYS A 414 -13.79 3.97 4.74
CA LYS A 414 -14.64 3.36 5.75
C LYS A 414 -14.09 2.04 6.25
N LYS A 415 -13.41 1.29 5.39
CA LYS A 415 -12.84 -0.01 5.69
C LYS A 415 -11.38 -0.07 5.22
N PRO A 416 -10.59 -0.99 5.77
CA PRO A 416 -9.22 -1.15 5.28
C PRO A 416 -9.22 -1.90 3.96
N ARG A 417 -8.16 -1.66 3.18
CA ARG A 417 -7.98 -2.19 1.83
C ARG A 417 -8.82 -1.44 0.79
N GLN A 418 -9.24 -0.23 1.14
CA GLN A 418 -9.77 0.76 0.20
C GLN A 418 -8.69 1.71 -0.29
N TRP A 419 -7.65 1.86 0.49
CA TRP A 419 -6.59 2.84 0.26
C TRP A 419 -5.33 2.08 -0.13
N LEU A 420 -4.90 2.25 -1.38
CA LEU A 420 -3.73 1.56 -1.94
C LEU A 420 -2.74 2.64 -2.33
N SER A 421 -1.64 2.75 -1.56
CA SER A 421 -0.70 3.84 -1.76
C SER A 421 0.69 3.44 -1.30
N SER A 422 1.70 3.82 -2.07
CA SER A 422 3.09 3.52 -1.74
C SER A 422 3.57 4.49 -0.65
N GLY A 423 3.76 3.98 0.57
CA GLY A 423 4.08 4.83 1.72
C GLY A 423 5.54 4.93 2.12
N GLY A 424 6.25 3.81 2.11
CA GLY A 424 7.63 3.75 2.58
C GLY A 424 8.67 4.06 1.54
N LEU A 425 8.64 3.35 0.41
CA LEU A 425 9.48 3.73 -0.72
C LEU A 425 8.97 5.01 -1.37
N GLY A 426 7.65 5.15 -1.50
CA GLY A 426 7.07 6.31 -2.16
C GLY A 426 7.30 6.32 -3.66
N ALA A 427 6.89 5.24 -4.34
CA ALA A 427 7.28 4.99 -5.72
C ALA A 427 6.27 5.59 -6.68
N MET A 428 6.71 6.58 -7.48
CA MET A 428 5.85 7.07 -8.54
C MET A 428 5.53 5.98 -9.57
N GLY A 429 4.41 6.17 -10.26
CA GLY A 429 4.03 5.18 -11.24
C GLY A 429 3.28 4.02 -10.65
N PHE A 430 2.98 4.07 -9.35
CA PHE A 430 2.30 2.98 -8.66
C PHE A 430 0.80 2.98 -8.89
N GLY A 431 0.17 4.15 -8.97
CA GLY A 431 -1.28 4.29 -9.05
C GLY A 431 -1.99 3.53 -10.15
N LEU A 432 -1.63 3.75 -11.41
CA LEU A 432 -2.35 3.06 -12.48
C LEU A 432 -2.22 1.54 -12.39
N PRO A 433 -1.02 0.95 -12.30
CA PRO A 433 -0.95 -0.52 -12.20
C PRO A 433 -1.60 -1.06 -10.93
N ALA A 434 -1.51 -0.32 -9.82
CA ALA A 434 -2.11 -0.82 -8.58
C ALA A 434 -3.63 -0.90 -8.70
N ALA A 435 -4.24 0.08 -9.40
CA ALA A 435 -5.67 0.00 -9.69
C ALA A 435 -6.00 -1.22 -10.54
N ILE A 436 -5.11 -1.58 -11.47
CA ILE A 436 -5.34 -2.75 -12.32
C ILE A 436 -5.45 -4.01 -11.47
N GLY A 437 -4.55 -4.16 -10.50
CA GLY A 437 -4.58 -5.34 -9.65
C GLY A 437 -5.77 -5.34 -8.72
N ALA A 438 -6.08 -4.17 -8.14
CA ALA A 438 -7.23 -4.06 -7.25
C ALA A 438 -8.53 -4.37 -7.99
N SER A 439 -8.66 -3.90 -9.24
CA SER A 439 -9.86 -4.19 -10.02
C SER A 439 -10.00 -5.69 -10.25
N VAL A 440 -8.93 -6.35 -10.68
CA VAL A 440 -9.01 -7.80 -10.93
C VAL A 440 -9.35 -8.55 -9.64
N ALA A 441 -8.84 -8.09 -8.51
CA ALA A 441 -9.17 -8.70 -7.24
C ALA A 441 -10.58 -8.38 -6.76
N ASN A 442 -11.13 -7.26 -7.22
CA ASN A 442 -12.43 -6.76 -6.77
C ASN A 442 -13.24 -6.35 -7.99
N PRO A 443 -13.65 -7.32 -8.82
CA PRO A 443 -14.32 -6.99 -10.10
C PRO A 443 -15.64 -6.22 -9.97
N ASP A 444 -16.25 -6.13 -8.80
CA ASP A 444 -17.49 -5.37 -8.67
C ASP A 444 -17.30 -4.04 -7.97
N ALA A 445 -16.07 -3.65 -7.68
CA ALA A 445 -15.82 -2.44 -6.92
C ALA A 445 -15.64 -1.23 -7.86
N ILE A 446 -16.01 -0.05 -7.35
CA ILE A 446 -15.51 1.17 -7.97
C ILE A 446 -14.02 1.25 -7.68
N VAL A 447 -13.21 1.39 -8.73
CA VAL A 447 -11.77 1.51 -8.58
C VAL A 447 -11.34 2.80 -9.26
N VAL A 448 -10.70 3.67 -8.50
CA VAL A 448 -10.29 4.99 -8.97
C VAL A 448 -8.82 5.17 -8.64
N ASP A 449 -8.03 5.56 -9.64
CA ASP A 449 -6.63 5.89 -9.47
C ASP A 449 -6.58 7.42 -9.43
N ILE A 450 -6.43 7.98 -8.22
CA ILE A 450 -6.22 9.41 -8.06
C ILE A 450 -4.73 9.64 -8.29
N ASP A 451 -4.37 10.16 -9.46
CA ASP A 451 -3.00 10.19 -9.96
C ASP A 451 -2.57 11.62 -10.25
N GLY A 452 -1.26 11.82 -10.30
CA GLY A 452 -0.68 13.09 -10.71
C GLY A 452 -0.03 12.94 -12.07
N ASP A 453 0.18 14.04 -12.79
CA ASP A 453 0.57 13.93 -14.19
C ASP A 453 1.98 13.36 -14.34
N GLY A 454 2.87 13.67 -13.39
CA GLY A 454 4.19 13.06 -13.41
C GLY A 454 4.13 11.56 -13.16
N SER A 455 3.46 11.15 -12.07
CA SER A 455 3.30 9.73 -11.75
C SER A 455 2.57 9.00 -12.86
N PHE A 456 1.47 9.58 -13.33
CA PHE A 456 0.63 8.86 -14.28
C PHE A 456 1.41 8.49 -15.52
N ILE A 457 2.22 9.42 -16.04
CA ILE A 457 2.88 9.16 -17.32
C ILE A 457 3.95 8.09 -17.18
N MET A 458 4.51 7.93 -15.97
CA MET A 458 5.62 6.98 -15.79
C MET A 458 5.23 5.58 -16.20
N ASN A 459 3.99 5.16 -15.94
CA ASN A 459 3.52 3.85 -16.36
C ASN A 459 2.28 3.97 -17.24
N VAL A 460 2.26 5.00 -18.10
CA VAL A 460 1.09 5.23 -18.92
C VAL A 460 0.79 4.02 -19.80
N GLN A 461 1.83 3.27 -20.17
CA GLN A 461 1.65 2.10 -21.01
C GLN A 461 0.64 1.09 -20.44
N GLU A 462 0.37 1.11 -19.14
CA GLU A 462 -0.57 0.12 -18.65
C GLU A 462 -2.02 0.40 -19.07
N LEU A 463 -2.31 1.57 -19.68
CA LEU A 463 -3.63 1.80 -20.27
C LEU A 463 -3.98 0.73 -21.31
N ALA A 464 -3.00 0.28 -22.08
CA ALA A 464 -3.22 -0.88 -22.94
C ALA A 464 -3.78 -2.06 -22.15
N THR A 465 -3.23 -2.30 -20.96
CA THR A 465 -3.64 -3.45 -20.17
C THR A 465 -5.08 -3.29 -19.69
N ILE A 466 -5.40 -2.11 -19.15
CA ILE A 466 -6.76 -1.82 -18.74
C ILE A 466 -7.73 -2.11 -19.89
N ARG A 467 -7.47 -1.55 -21.07
CA ARG A 467 -8.38 -1.72 -22.19
C ARG A 467 -8.54 -3.19 -22.55
N VAL A 468 -7.43 -3.88 -22.76
CA VAL A 468 -7.47 -5.25 -23.28
C VAL A 468 -8.15 -6.20 -22.30
N GLU A 469 -7.90 -6.02 -20.98
CA GLU A 469 -8.49 -6.84 -19.92
C GLU A 469 -9.87 -6.35 -19.52
N ASN A 470 -10.40 -5.35 -20.25
CA ASN A 470 -11.73 -4.79 -20.04
C ASN A 470 -12.04 -4.65 -18.55
N LEU A 471 -11.16 -3.82 -17.87
CA LEU A 471 -11.24 -3.47 -16.45
C LEU A 471 -11.85 -2.08 -16.28
N PRO A 472 -12.80 -1.93 -15.40
CA PRO A 472 -13.51 -0.66 -15.19
C PRO A 472 -12.73 0.31 -14.30
N VAL A 473 -11.47 0.52 -14.63
CA VAL A 473 -10.63 1.42 -13.85
C VAL A 473 -10.94 2.86 -14.22
N LYS A 474 -11.21 3.68 -13.22
CA LYS A 474 -11.38 5.10 -13.43
C LYS A 474 -10.11 5.82 -13.03
N VAL A 475 -9.68 6.78 -13.84
CA VAL A 475 -8.50 7.59 -13.54
C VAL A 475 -8.97 9.02 -13.26
N LEU A 476 -8.87 9.45 -12.01
CA LEU A 476 -9.02 10.86 -11.66
C LEU A 476 -7.63 11.49 -11.68
N LEU A 477 -7.22 12.01 -12.82
CA LEU A 477 -5.89 12.58 -12.99
C LEU A 477 -5.88 14.04 -12.56
N LEU A 478 -5.35 14.33 -11.38
CA LEU A 478 -5.15 15.71 -10.93
C LEU A 478 -3.91 16.27 -11.63
N ASN A 479 -4.12 17.19 -12.57
CA ASN A 479 -3.07 17.67 -13.45
C ASN A 479 -2.68 19.11 -13.08
N ASN A 480 -1.44 19.30 -12.62
CA ASN A 480 -0.89 20.62 -12.37
C ASN A 480 0.37 20.92 -13.18
N GLN A 481 0.69 20.09 -14.19
CA GLN A 481 1.86 20.31 -15.05
C GLN A 481 3.18 20.38 -14.27
N HIS A 482 3.21 19.94 -13.00
CA HIS A 482 4.42 20.02 -12.22
C HIS A 482 4.63 18.75 -11.41
N LEU A 483 5.90 18.48 -11.11
CA LEU A 483 6.27 17.62 -9.99
C LEU A 483 5.99 18.43 -8.72
N GLY A 484 4.72 18.39 -8.30
CA GLY A 484 4.23 19.36 -7.33
C GLY A 484 4.90 19.28 -5.97
N MET A 485 5.11 18.07 -5.46
CA MET A 485 5.69 17.96 -4.12
C MET A 485 7.11 18.52 -4.09
N VAL A 486 7.94 18.21 -5.09
CA VAL A 486 9.25 18.83 -5.16
C VAL A 486 9.14 20.33 -5.40
N MET A 487 8.12 20.75 -6.17
CA MET A 487 7.85 22.17 -6.36
C MET A 487 7.55 22.86 -5.02
N GLN A 488 6.70 22.24 -4.20
CA GLN A 488 6.37 22.81 -2.89
C GLN A 488 7.62 23.03 -2.04
N TRP A 489 8.51 22.03 -2.02
CA TRP A 489 9.73 22.17 -1.24
C TRP A 489 10.64 23.24 -1.85
N GLU A 490 10.68 23.32 -3.19
CA GLU A 490 11.38 24.45 -3.83
C GLU A 490 10.87 25.78 -3.31
N ASP A 491 9.56 25.88 -3.11
CA ASP A 491 8.95 27.13 -2.65
C ASP A 491 9.38 27.45 -1.21
N ARG A 492 9.29 26.47 -0.31
CA ARG A 492 9.54 26.75 1.10
C ARG A 492 11.02 26.97 1.39
N PHE A 493 11.90 26.21 0.73
CA PHE A 493 13.28 26.14 1.17
C PHE A 493 14.31 26.52 0.12
N TYR A 494 13.89 26.83 -1.11
CA TYR A 494 14.85 27.18 -2.15
C TYR A 494 14.38 28.39 -2.94
N LYS A 495 13.59 29.26 -2.31
CA LYS A 495 13.26 30.56 -2.88
C LYS A 495 12.55 30.42 -4.23
N ALA A 496 11.71 29.38 -4.33
CA ALA A 496 10.93 29.08 -5.54
C ALA A 496 11.80 28.95 -6.80
N ASN A 497 13.09 28.66 -6.64
CA ASN A 497 13.95 28.38 -7.78
C ASN A 497 13.64 27.00 -8.36
N ARG A 498 13.18 26.98 -9.61
CA ARG A 498 12.71 25.75 -10.24
C ARG A 498 13.88 25.00 -10.86
N ALA A 499 14.10 23.76 -10.40
CA ALA A 499 15.13 22.88 -10.97
C ALA A 499 14.41 21.63 -11.50
N HIS A 500 13.94 21.74 -12.74
CA HIS A 500 13.44 20.61 -13.50
C HIS A 500 12.17 20.01 -12.94
N THR A 501 11.32 20.82 -12.29
CA THR A 501 10.06 20.35 -11.75
C THR A 501 8.86 20.69 -12.63
N PHE A 502 9.06 21.32 -13.79
CA PHE A 502 7.97 21.62 -14.71
C PHE A 502 7.84 20.54 -15.79
N LEU A 503 6.65 19.97 -15.91
CA LEU A 503 6.43 18.80 -16.76
C LEU A 503 5.86 19.10 -18.14
N GLY A 504 5.42 20.34 -18.40
CA GLY A 504 4.86 20.73 -19.68
C GLY A 504 5.93 21.15 -20.68
N ASP A 505 5.47 21.79 -21.77
CA ASP A 505 6.33 22.20 -22.86
C ASP A 505 6.67 23.67 -22.72
N PRO A 506 7.92 24.04 -22.41
CA PRO A 506 8.28 25.46 -22.30
C PRO A 506 7.98 26.28 -23.56
N ALA A 507 7.99 25.66 -24.73
CA ALA A 507 7.78 26.40 -25.97
C ALA A 507 6.35 26.90 -26.10
N GLN A 508 5.38 26.07 -25.74
CA GLN A 508 3.96 26.45 -25.71
C GLN A 508 3.50 26.45 -24.26
N GLU A 509 4.05 27.38 -23.48
CA GLU A 509 4.10 27.29 -22.02
C GLU A 509 2.72 27.29 -21.36
N ASP A 510 1.64 27.58 -22.11
CA ASP A 510 0.31 27.65 -21.51
C ASP A 510 -0.64 26.57 -22.03
N GLU A 511 -0.13 25.61 -22.79
CA GLU A 511 -0.92 24.48 -23.21
C GLU A 511 -0.68 23.30 -22.27
N ILE A 512 -1.76 22.62 -21.89
CA ILE A 512 -1.62 21.38 -21.12
C ILE A 512 -0.81 20.39 -21.94
N PHE A 513 0.36 20.00 -21.42
CA PHE A 513 1.27 19.08 -22.11
C PHE A 513 1.82 18.01 -21.17
N PRO A 514 1.80 16.74 -21.57
CA PRO A 514 1.20 16.23 -22.80
C PRO A 514 -0.30 16.29 -22.67
N ASN A 515 -0.98 15.75 -23.67
CA ASN A 515 -2.43 15.72 -23.71
C ASN A 515 -2.89 14.31 -23.30
N MET A 516 -3.12 14.13 -22.01
CA MET A 516 -3.43 12.79 -21.52
C MET A 516 -4.65 12.18 -22.20
N LEU A 517 -5.52 13.02 -22.77
CA LEU A 517 -6.72 12.48 -23.43
C LEU A 517 -6.32 11.62 -24.61
N LEU A 518 -5.27 12.01 -25.32
CA LEU A 518 -4.83 11.24 -26.47
C LEU A 518 -4.16 9.94 -26.06
N PHE A 519 -3.44 9.92 -24.94
CA PHE A 519 -2.96 8.66 -24.38
C PHE A 519 -4.12 7.70 -24.15
N ALA A 520 -5.21 8.19 -23.56
CA ALA A 520 -6.39 7.35 -23.41
C ALA A 520 -6.96 6.94 -24.75
N ALA A 521 -7.02 7.88 -25.71
CA ALA A 521 -7.59 7.57 -27.02
C ALA A 521 -6.82 6.46 -27.71
N ALA A 522 -5.48 6.52 -27.65
CA ALA A 522 -4.63 5.51 -28.22
C ALA A 522 -5.00 4.10 -27.76
N CYS A 523 -5.50 3.95 -26.54
CA CYS A 523 -5.88 2.64 -26.02
C CYS A 523 -7.38 2.47 -25.95
N GLY A 524 -8.12 3.34 -26.63
CA GLY A 524 -9.56 3.18 -26.72
C GLY A 524 -10.25 3.32 -25.39
N ILE A 525 -9.80 4.26 -24.57
CA ILE A 525 -10.40 4.52 -23.26
C ILE A 525 -11.10 5.86 -23.35
N PRO A 526 -12.43 5.90 -23.17
CA PRO A 526 -13.13 7.19 -23.09
C PRO A 526 -12.48 8.13 -22.09
N ALA A 527 -12.45 9.41 -22.43
CA ALA A 527 -11.75 10.39 -21.62
C ALA A 527 -12.33 11.77 -21.86
N ALA A 528 -12.13 12.64 -20.88
CA ALA A 528 -12.56 14.02 -20.94
C ALA A 528 -11.66 14.88 -20.06
N ARG A 529 -11.57 16.17 -20.40
CA ARG A 529 -10.94 17.14 -19.52
C ARG A 529 -12.00 18.02 -18.86
N VAL A 530 -11.57 18.73 -17.82
CA VAL A 530 -12.45 19.63 -17.08
C VAL A 530 -11.58 20.71 -16.44
N THR A 531 -12.00 21.97 -16.55
CA THR A 531 -11.16 23.04 -16.06
C THR A 531 -11.90 23.94 -15.08
N LYS A 532 -13.21 24.08 -15.27
CA LYS A 532 -14.04 24.98 -14.47
C LYS A 532 -14.71 24.21 -13.34
N LYS A 533 -14.55 24.70 -12.09
CA LYS A 533 -15.13 24.04 -10.92
C LYS A 533 -16.63 23.76 -11.12
N ALA A 534 -17.32 24.60 -11.90
CA ALA A 534 -18.73 24.37 -12.19
C ALA A 534 -18.97 23.02 -12.85
N ASP A 535 -18.08 22.61 -13.76
CA ASP A 535 -18.26 21.40 -14.54
C ASP A 535 -17.78 20.14 -13.83
N LEU A 536 -17.11 20.28 -12.68
CA LEU A 536 -16.43 19.16 -12.04
C LEU A 536 -17.40 18.04 -11.66
N ARG A 537 -18.48 18.38 -10.95
CA ARG A 537 -19.37 17.36 -10.43
C ARG A 537 -20.02 16.54 -11.55
N GLU A 538 -20.43 17.19 -12.64
CA GLU A 538 -21.01 16.41 -13.72
C GLU A 538 -19.93 15.61 -14.44
N ALA A 539 -18.72 16.17 -14.55
CA ALA A 539 -17.62 15.42 -15.14
C ALA A 539 -17.37 14.12 -14.39
N ILE A 540 -17.19 14.21 -13.06
CA ILE A 540 -16.92 13.00 -12.28
C ILE A 540 -18.10 12.05 -12.36
N GLN A 541 -19.32 12.58 -12.29
CA GLN A 541 -20.46 11.70 -12.41
C GLN A 541 -20.42 10.92 -13.71
N THR A 542 -20.00 11.59 -14.78
CA THR A 542 -19.91 10.93 -16.08
C THR A 542 -18.91 9.79 -16.03
N MET A 543 -17.69 10.09 -15.56
CA MET A 543 -16.67 9.06 -15.36
C MET A 543 -17.24 7.85 -14.64
N LEU A 544 -18.01 8.09 -13.56
CA LEU A 544 -18.50 6.98 -12.76
C LEU A 544 -19.56 6.18 -13.51
N ASP A 545 -20.43 6.87 -14.26
CA ASP A 545 -21.58 6.21 -14.90
C ASP A 545 -21.24 5.52 -16.21
N THR A 546 -20.18 5.96 -16.90
CA THR A 546 -19.74 5.36 -18.15
C THR A 546 -19.16 3.98 -17.89
N PRO A 547 -19.80 2.89 -18.33
CA PRO A 547 -19.27 1.55 -18.04
C PRO A 547 -17.88 1.36 -18.64
N GLY A 548 -17.03 0.66 -17.90
CA GLY A 548 -15.67 0.41 -18.34
C GLY A 548 -14.69 1.45 -17.84
N PRO A 549 -13.47 1.39 -18.35
CA PRO A 549 -12.45 2.34 -17.90
C PRO A 549 -12.74 3.75 -18.41
N TYR A 550 -12.15 4.72 -17.73
CA TYR A 550 -12.43 6.11 -18.05
C TYR A 550 -11.34 6.99 -17.43
N LEU A 551 -10.87 7.96 -18.19
CA LEU A 551 -9.90 8.94 -17.74
C LEU A 551 -10.54 10.33 -17.69
N LEU A 552 -10.45 10.99 -16.52
CA LEU A 552 -10.87 12.38 -16.36
C LEU A 552 -9.63 13.24 -16.04
N ASP A 553 -9.27 14.13 -16.97
CA ASP A 553 -8.14 15.05 -16.81
C ASP A 553 -8.62 16.30 -16.07
N VAL A 554 -8.23 16.44 -14.81
CA VAL A 554 -8.69 17.53 -13.94
C VAL A 554 -7.58 18.57 -13.82
N ILE A 555 -7.76 19.73 -14.45
CA ILE A 555 -6.75 20.77 -14.39
C ILE A 555 -6.83 21.51 -13.07
N CYS A 556 -5.68 21.85 -12.49
CA CYS A 556 -5.58 22.42 -11.13
C CYS A 556 -4.48 23.47 -11.06
N PRO A 557 -4.70 24.58 -10.35
CA PRO A 557 -3.59 25.54 -10.17
C PRO A 557 -2.44 24.87 -9.44
N HIS A 558 -1.22 25.11 -9.91
CA HIS A 558 -0.08 24.37 -9.38
C HIS A 558 0.45 24.94 -8.08
N GLN A 559 0.10 26.18 -7.74
CA GLN A 559 0.67 26.83 -6.55
C GLN A 559 0.10 26.28 -5.24
N GLU A 560 -0.80 25.30 -5.28
CA GLU A 560 -1.28 24.67 -4.05
C GLU A 560 -0.13 24.05 -3.27
N HIS A 561 -0.31 23.97 -1.96
CA HIS A 561 0.68 23.39 -1.05
C HIS A 561 -0.04 22.44 -0.11
N VAL A 562 0.44 21.20 -0.01
CA VAL A 562 -0.14 20.30 0.99
C VAL A 562 0.12 20.89 2.36
N LEU A 563 -0.93 21.03 3.16
CA LEU A 563 -0.79 21.53 4.51
C LEU A 563 -1.65 20.66 5.42
N PRO A 564 -1.34 20.65 6.73
CA PRO A 564 -0.24 21.40 7.35
C PRO A 564 1.08 20.71 7.04
N MET A 565 2.23 21.23 7.48
CA MET A 565 3.50 20.55 7.28
C MET A 565 4.40 20.81 8.47
N ILE A 566 4.81 19.74 9.14
CA ILE A 566 5.91 19.77 10.09
C ILE A 566 7.19 19.49 9.30
N PRO A 567 8.13 20.44 9.21
CA PRO A 567 9.32 20.21 8.39
C PRO A 567 10.09 19.00 8.90
N SER A 568 10.80 18.36 7.98
CA SER A 568 11.49 17.11 8.30
C SER A 568 12.34 17.25 9.54
N GLY A 569 12.14 16.34 10.49
CA GLY A 569 12.88 16.36 11.75
C GLY A 569 12.42 17.38 12.76
N GLY A 570 11.27 18.01 12.55
CA GLY A 570 10.79 19.05 13.44
C GLY A 570 9.97 18.51 14.60
N THR A 571 9.43 19.44 15.38
CA THR A 571 8.51 19.16 16.47
C THR A 571 7.14 19.74 16.14
N PHE A 572 6.18 19.50 17.02
CA PHE A 572 4.85 20.09 16.84
C PHE A 572 4.93 21.61 16.78
N ASN A 573 5.81 22.22 17.57
CA ASN A 573 5.97 23.66 17.65
C ASN A 573 6.43 24.29 16.34
N ASP A 574 6.82 23.48 15.36
CA ASP A 574 7.27 24.00 14.06
C ASP A 574 6.23 23.85 12.96
N VAL A 575 5.01 23.37 13.29
CA VAL A 575 4.04 23.02 12.25
C VAL A 575 3.67 24.26 11.46
N ILE A 576 3.93 24.22 10.15
CA ILE A 576 3.43 25.23 9.21
C ILE A 576 1.95 24.96 8.92
N THR A 577 1.12 25.99 9.04
CA THR A 577 -0.32 25.85 8.80
C THR A 577 -0.86 26.74 7.68
N GLU A 578 -0.03 27.58 7.08
CA GLU A 578 -0.51 28.55 6.11
C GLU A 578 0.53 28.77 5.03
N GLY A 579 0.07 29.09 3.83
CA GLY A 579 0.96 29.48 2.76
C GLY A 579 0.92 28.56 1.56
N ASP A 580 1.31 29.09 0.41
CA ASP A 580 1.37 28.32 -0.82
C ASP A 580 2.40 28.99 -1.74
N GLY A 581 2.34 28.69 -3.03
CA GLY A 581 3.31 29.26 -3.96
C GLY A 581 2.87 30.52 -4.69
N ARG A 582 2.15 31.40 -4.01
CA ARG A 582 1.61 32.60 -4.65
C ARG A 582 2.23 33.88 -4.07
#